data_9J01
#
_entry.id   9J01
#
_cell.length_a   31.365
_cell.length_b   37.075
_cell.length_c   41.014
_cell.angle_alpha   90.00
_cell.angle_beta   93.19
_cell.angle_gamma   90.00
#
_symmetry.space_group_name_H-M   'P 1 21 1'
#
loop_
_entity.id
_entity.type
_entity.pdbx_description
1 polymer 'Chemosensory protein 3'
2 non-polymer 'CADMIUM ION'
3 non-polymer 'CHLORIDE ION'
4 water water
#
_entity_poly.entity_id   1
_entity_poly.type   'polypeptide(L)'
_entity_poly.pdbx_seq_one_letter_code
;MQEQYTTKYDGIDLDEILKSDRLFNNYFKCLMDEGRCTPDGNELKKILPEALQTNCAKCSEKQRSGAIKVINYVIENRKE
QWDALQKKYDPENLYVEKYREEAQKEGIKLE
;
_entity_poly.pdbx_strand_id   A
#
loop_
_chem_comp.id
_chem_comp.type
_chem_comp.name
_chem_comp.formula
CD non-polymer 'CADMIUM ION' 'Cd 2'
CL non-polymer 'CHLORIDE ION' 'Cl -1'
#
# COMPACT_ATOMS: atom_id res chain seq x y z
N THR A 7 0.16 -7.45 10.65
CA THR A 7 0.80 -8.40 9.75
C THR A 7 -0.17 -9.09 8.79
N LYS A 8 -1.47 -8.87 8.92
CA LYS A 8 -2.46 -9.51 8.08
C LYS A 8 -3.46 -8.48 7.55
N TYR A 9 -3.97 -8.77 6.35
CA TYR A 9 -5.07 -8.03 5.74
C TYR A 9 -6.15 -9.05 5.43
N ASP A 10 -7.36 -8.77 5.91
CA ASP A 10 -8.51 -9.59 5.58
C ASP A 10 -8.24 -11.07 5.85
N GLY A 11 -7.56 -11.34 6.98
CA GLY A 11 -7.34 -12.71 7.39
C GLY A 11 -6.15 -13.44 6.78
N ILE A 12 -5.43 -12.78 5.87
CA ILE A 12 -4.27 -13.36 5.19
C ILE A 12 -2.98 -12.64 5.60
N ASP A 13 -1.92 -13.43 5.83
CA ASP A 13 -0.59 -12.89 6.04
C ASP A 13 -0.25 -11.92 4.90
N LEU A 14 0.16 -10.72 5.28
CA LEU A 14 0.50 -9.69 4.31
C LEU A 14 1.63 -10.15 3.40
N ASP A 15 2.56 -10.94 3.94
CA ASP A 15 3.64 -11.40 3.08
C ASP A 15 3.14 -12.35 2.01
N GLU A 16 2.11 -13.14 2.30
CA GLU A 16 1.56 -14.04 1.29
C GLU A 16 0.76 -13.25 0.24
N ILE A 17 0.04 -12.20 0.68
CA ILE A 17 -0.65 -11.34 -0.29
C ILE A 17 0.37 -10.75 -1.25
N LEU A 18 1.44 -10.19 -0.71
CA LEU A 18 2.35 -9.43 -1.56
C LEU A 18 3.06 -10.33 -2.57
N LYS A 19 3.35 -11.60 -2.21
CA LYS A 19 4.06 -12.54 -3.05
C LYS A 19 3.15 -13.28 -4.04
N SER A 20 1.83 -13.01 -4.03
CA SER A 20 0.90 -13.67 -4.93
C SER A 20 0.23 -12.62 -5.81
N ASP A 21 0.45 -12.71 -7.13
CA ASP A 21 -0.26 -11.78 -8.02
C ASP A 21 -1.75 -11.88 -7.83
N ARG A 22 -2.26 -13.11 -7.69
CA ARG A 22 -3.70 -13.29 -7.47
C ARG A 22 -4.20 -12.52 -6.26
N LEU A 23 -3.50 -12.64 -5.13
CA LEU A 23 -3.91 -11.92 -3.94
C LEU A 23 -3.62 -10.44 -4.07
N PHE A 24 -2.40 -10.07 -4.51
CA PHE A 24 -2.06 -8.65 -4.52
C PHE A 24 -2.91 -7.86 -5.50
N ASN A 25 -3.26 -8.45 -6.65
CA ASN A 25 -3.99 -7.67 -7.64
C ASN A 25 -5.34 -7.22 -7.12
N ASN A 26 -5.97 -7.98 -6.22
CA ASN A 26 -7.22 -7.47 -5.65
C ASN A 26 -6.97 -6.13 -4.95
N TYR A 27 -5.91 -6.07 -4.13
CA TYR A 27 -5.60 -4.82 -3.44
C TYR A 27 -5.16 -3.73 -4.40
N PHE A 28 -4.32 -4.10 -5.38
CA PHE A 28 -3.87 -3.10 -6.37
C PHE A 28 -5.07 -2.50 -7.06
N LYS A 29 -5.99 -3.35 -7.51
CA LYS A 29 -7.15 -2.83 -8.23
C LYS A 29 -8.01 -1.96 -7.32
N CYS A 30 -8.20 -2.39 -6.05
CA CYS A 30 -8.88 -1.54 -5.06
C CYS A 30 -8.25 -0.15 -5.00
N LEU A 31 -6.91 -0.10 -4.89
CA LEU A 31 -6.25 1.19 -4.74
C LEU A 31 -6.39 2.06 -5.98
N MET A 32 -6.49 1.44 -7.14
CA MET A 32 -6.56 2.14 -8.39
C MET A 32 -7.98 2.36 -8.86
N ASP A 33 -8.97 2.09 -7.99
CA ASP A 33 -10.39 2.28 -8.33
C ASP A 33 -10.75 1.44 -9.53
N GLU A 34 -10.10 0.26 -9.66
CA GLU A 34 -10.40 -0.68 -10.74
C GLU A 34 -11.12 -1.92 -10.23
N GLY A 35 -11.43 -1.98 -8.94
CA GLY A 35 -12.10 -3.13 -8.39
C GLY A 35 -12.57 -2.83 -6.99
N ARG A 36 -13.45 -3.68 -6.49
CA ARG A 36 -14.00 -3.47 -5.15
C ARG A 36 -12.94 -3.71 -4.10
N CYS A 37 -13.04 -2.97 -3.00
CA CYS A 37 -12.07 -3.09 -1.92
C CYS A 37 -12.59 -4.03 -0.86
N THR A 38 -11.67 -4.83 -0.33
CA THR A 38 -11.90 -5.56 0.91
C THR A 38 -11.88 -4.58 2.06
N PRO A 39 -12.35 -4.97 3.25
CA PRO A 39 -12.27 -4.01 4.38
C PRO A 39 -10.87 -3.43 4.63
N ASP A 40 -9.83 -4.28 4.68
CA ASP A 40 -8.49 -3.73 4.93
C ASP A 40 -7.90 -3.05 3.69
N GLY A 41 -8.36 -3.46 2.50
CA GLY A 41 -7.98 -2.76 1.30
C GLY A 41 -8.48 -1.34 1.35
N ASN A 42 -9.74 -1.19 1.82
CA ASN A 42 -10.28 0.15 1.95
C ASN A 42 -9.52 0.94 3.01
N GLU A 43 -9.14 0.28 4.10
CA GLU A 43 -8.44 1.04 5.12
C GLU A 43 -7.08 1.46 4.61
N LEU A 44 -6.41 0.58 3.87
CA LEU A 44 -5.15 0.97 3.25
C LEU A 44 -5.34 2.18 2.36
N LYS A 45 -6.38 2.17 1.54
CA LYS A 45 -6.61 3.29 0.62
C LYS A 45 -6.77 4.57 1.38
N LYS A 46 -7.46 4.53 2.53
CA LYS A 46 -7.72 5.78 3.22
C LYS A 46 -6.43 6.36 3.79
N ILE A 47 -5.50 5.50 4.21
CA ILE A 47 -4.29 5.99 4.87
C ILE A 47 -3.09 6.07 3.93
N LEU A 48 -3.18 5.58 2.72
CA LEU A 48 -1.98 5.53 1.89
C LEU A 48 -1.39 6.90 1.55
N PRO A 49 -2.19 7.94 1.25
CA PRO A 49 -1.56 9.25 1.09
C PRO A 49 -0.77 9.66 2.30
N GLU A 50 -1.31 9.47 3.53
CA GLU A 50 -0.54 9.84 4.71
C GLU A 50 0.65 8.92 4.92
N ALA A 51 0.50 7.62 4.60
CA ALA A 51 1.62 6.68 4.67
C ALA A 51 2.80 7.15 3.85
N LEU A 52 2.54 7.55 2.59
CA LEU A 52 3.63 7.95 1.69
C LEU A 52 4.13 9.36 1.97
N GLN A 53 3.22 10.33 2.23
CA GLN A 53 3.57 11.73 2.28
C GLN A 53 4.00 12.22 3.65
N THR A 54 3.58 11.55 4.72
CA THR A 54 3.90 11.99 6.09
C THR A 54 4.54 10.86 6.91
N ASN A 55 4.85 9.74 6.28
CA ASN A 55 5.30 8.56 7.00
C ASN A 55 4.27 8.14 8.06
N CYS A 56 3.01 8.14 7.65
CA CYS A 56 1.88 7.73 8.50
C CYS A 56 1.88 8.39 9.86
N ALA A 57 2.05 9.71 9.87
CA ALA A 57 2.10 10.47 11.10
C ALA A 57 0.89 10.26 12.01
N LYS A 58 -0.30 10.24 11.43
CA LYS A 58 -1.52 10.09 12.21
C LYS A 58 -2.13 8.69 12.27
N CYS A 59 -1.52 7.73 11.59
CA CYS A 59 -2.06 6.38 11.58
C CYS A 59 -1.78 5.65 12.89
N SER A 60 -2.49 4.54 13.11
CA SER A 60 -2.21 3.69 14.24
C SER A 60 -1.01 2.79 13.94
N GLU A 61 -0.54 2.09 14.98
CA GLU A 61 0.58 1.17 14.80
C GLU A 61 0.22 0.07 13.80
N LYS A 62 -0.96 -0.52 13.96
CA LYS A 62 -1.38 -1.54 13.00
C LYS A 62 -1.36 -1.01 11.58
N GLN A 63 -2.00 0.15 11.37
CA GLN A 63 -2.06 0.78 10.06
C GLN A 63 -0.66 1.01 9.48
N ARG A 64 0.20 1.62 10.30
CA ARG A 64 1.54 1.99 9.84
C ARG A 64 2.35 0.75 9.47
N SER A 65 2.34 -0.26 10.33
CA SER A 65 3.10 -1.47 10.03
C SER A 65 2.68 -2.07 8.69
N GLY A 66 1.36 -2.20 8.48
CA GLY A 66 0.89 -2.79 7.24
C GLY A 66 1.27 -1.98 6.04
N ALA A 67 1.04 -0.67 6.10
CA ALA A 67 1.29 0.15 4.95
C ALA A 67 2.76 0.17 4.59
N ILE A 68 3.64 0.32 5.58
CA ILE A 68 5.07 0.38 5.25
C ILE A 68 5.54 -0.93 4.65
N LYS A 69 5.03 -2.07 5.15
CA LYS A 69 5.41 -3.34 4.55
C LYS A 69 4.98 -3.40 3.07
N VAL A 70 3.72 -3.01 2.79
CA VAL A 70 3.24 -3.04 1.41
C VAL A 70 4.09 -2.14 0.52
N ILE A 71 4.29 -0.88 0.94
CA ILE A 71 5.00 0.11 0.15
C ILE A 71 6.40 -0.40 -0.18
N ASN A 72 7.12 -0.87 0.82
CA ASN A 72 8.51 -1.23 0.52
C ASN A 72 8.60 -2.48 -0.35
N TYR A 73 7.75 -3.49 -0.11
CA TYR A 73 7.75 -4.63 -1.01
C TYR A 73 7.44 -4.21 -2.45
N VAL A 74 6.48 -3.29 -2.61
CA VAL A 74 6.08 -2.85 -3.93
C VAL A 74 7.21 -2.08 -4.61
N ILE A 75 7.89 -1.16 -3.90
CA ILE A 75 8.99 -0.43 -4.54
C ILE A 75 10.07 -1.40 -4.98
N GLU A 76 10.29 -2.48 -4.21
CA GLU A 76 11.40 -3.37 -4.55
C GLU A 76 11.05 -4.39 -5.63
N ASN A 77 9.83 -4.91 -5.62
CA ASN A 77 9.52 -6.13 -6.37
C ASN A 77 8.24 -6.06 -7.21
N ARG A 78 7.47 -4.98 -7.15
CA ARG A 78 6.31 -4.78 -8.03
C ARG A 78 6.44 -3.39 -8.66
N LYS A 79 7.38 -3.26 -9.58
CA LYS A 79 7.82 -1.91 -9.92
C LYS A 79 6.81 -1.18 -10.80
N GLU A 80 6.16 -1.89 -11.72
CA GLU A 80 5.12 -1.23 -12.52
C GLU A 80 3.98 -0.77 -11.61
N GLN A 81 3.58 -1.63 -10.65
CA GLN A 81 2.51 -1.23 -9.77
C GLN A 81 2.94 -0.10 -8.85
N TRP A 82 4.20 -0.09 -8.44
CA TRP A 82 4.69 1.06 -7.69
C TRP A 82 4.56 2.34 -8.49
N ASP A 83 5.00 2.36 -9.76
CA ASP A 83 4.86 3.60 -10.52
C ASP A 83 3.42 4.11 -10.51
N ALA A 84 2.44 3.21 -10.70
CA ALA A 84 1.03 3.65 -10.69
C ALA A 84 0.61 4.19 -9.33
N LEU A 85 0.95 3.46 -8.26
CA LEU A 85 0.55 3.90 -6.93
C LEU A 85 1.24 5.21 -6.57
N GLN A 86 2.51 5.33 -6.89
CA GLN A 86 3.23 6.57 -6.60
C GLN A 86 2.61 7.75 -7.34
N LYS A 87 2.26 7.57 -8.62
CA LYS A 87 1.69 8.70 -9.36
C LYS A 87 0.40 9.15 -8.71
N LYS A 88 -0.42 8.19 -8.23
CA LYS A 88 -1.75 8.58 -7.71
C LYS A 88 -1.67 9.09 -6.27
N TYR A 89 -0.94 8.38 -5.43
CA TYR A 89 -1.01 8.64 -3.99
C TYR A 89 0.15 9.47 -3.47
N ASP A 90 1.24 9.61 -4.22
CA ASP A 90 2.41 10.38 -3.77
C ASP A 90 3.06 11.05 -4.98
N PRO A 91 2.35 11.98 -5.63
CA PRO A 91 2.88 12.57 -6.89
C PRO A 91 4.18 13.33 -6.70
N GLU A 92 4.41 13.87 -5.51
CA GLU A 92 5.66 14.56 -5.28
C GLU A 92 6.78 13.62 -4.89
N ASN A 93 6.56 12.29 -4.81
CA ASN A 93 7.59 11.33 -4.51
C ASN A 93 8.19 11.56 -3.12
N LEU A 94 7.35 11.99 -2.17
CA LEU A 94 7.88 12.27 -0.83
C LEU A 94 8.34 11.01 -0.11
N TYR A 95 7.71 9.86 -0.35
CA TYR A 95 8.14 8.71 0.46
C TYR A 95 9.56 8.32 0.10
N VAL A 96 9.85 8.22 -1.20
CA VAL A 96 11.18 7.85 -1.62
C VAL A 96 12.22 8.89 -1.22
N GLU A 97 11.89 10.17 -1.35
CA GLU A 97 12.85 11.22 -1.01
C GLU A 97 13.02 11.55 0.46
N LYS A 98 12.02 11.23 1.28
CA LYS A 98 12.06 11.63 2.68
C LYS A 98 12.13 10.47 3.66
N TYR A 99 11.51 9.34 3.35
CA TYR A 99 11.27 8.33 4.38
C TYR A 99 11.84 6.96 4.06
N ARG A 100 12.25 6.68 2.82
CA ARG A 100 12.57 5.30 2.47
C ARG A 100 13.90 4.83 3.09
CD CD B . -7.78 -6.92 9.38
CD CD C . 3.93 -10.97 -11.07
CD CD D . 2.11 -16.80 7.20
CD CD E . 9.55 15.94 -5.21
CD CD F . -7.97 -1.07 11.35
CL CL G . -10.08 -7.49 9.03
CL CL H . -6.73 -9.24 9.35
#